data_3EC1
#
_entry.id   3EC1
#
_cell.length_a   47.615
_cell.length_b   81.097
_cell.length_c   108.173
_cell.angle_alpha   90.00
_cell.angle_beta   91.50
_cell.angle_gamma   90.00
#
_symmetry.space_group_name_H-M   'P 1 21 1'
#
loop_
_entity.id
_entity.type
_entity.pdbx_description
1 polymer 'GTP-binding protein YqeH required for biosis of 30S ribosome subunit'
2 non-polymer "GUANOSINE-5'-DIPHOSPHATE"
3 water water
#
_entity_poly.entity_id   1
_entity_poly.type   'polypeptide(L)'
_entity_poly.pdbx_seq_one_letter_code
;MEPQLRCIGCGAAIQFENPKNAGYAPKSVLEKDAEEVICQRCFRLKHYNEVQDVPLDDDDFLSMLHRIGESKALVVNIVD
IFDFNGSFIPGLPRFAADNPILLVGNKADLLPRSVKYPKLLRWMRRMAEELGLCPVDVCLVSAAKGIGMAKVMEAINRYR
EGGDVYVVGCTNVGKSTFINRIIEEATGKGNVITTSYFPGTTLDMIEIPLESGATLYDTPGIINHHQMAHFVDARDLKII
TPKREIHPRVYQLNEGQTLFFGGLARLDYIKGGRRSFVCYMANELTVHRTKLEKADSLYANQLGELLSPPSKRYAAEFPP
LVPRSLSVKERKTDIVFSGLGWVTCNDPGAQLVVHAPKGVDVFIRQSLI
;
_entity_poly.pdbx_strand_id   A,B
#
# COMPACT_ATOMS: atom_id res chain seq x y z
N ASP A 59 -30.79 -18.77 0.37
CA ASP A 59 -31.12 -18.67 1.82
C ASP A 59 -29.95 -18.23 2.70
N ASP A 60 -28.79 -18.04 2.07
CA ASP A 60 -27.58 -17.59 2.77
C ASP A 60 -27.74 -16.10 3.06
N PHE A 61 -28.38 -15.39 2.13
CA PHE A 61 -28.61 -13.95 2.28
C PHE A 61 -29.57 -13.69 3.44
N LEU A 62 -30.51 -14.61 3.64
CA LEU A 62 -31.49 -14.51 4.71
C LEU A 62 -30.83 -14.66 6.07
N SER A 63 -30.00 -15.68 6.22
CA SER A 63 -29.28 -15.90 7.48
C SER A 63 -28.41 -14.66 7.75
N MET A 64 -27.82 -14.13 6.67
CA MET A 64 -26.98 -12.94 6.76
C MET A 64 -27.83 -11.74 7.22
N LEU A 65 -28.94 -11.51 6.53
CA LEU A 65 -29.83 -10.40 6.89
C LEU A 65 -30.37 -10.57 8.31
N HIS A 66 -30.58 -11.81 8.71
CA HIS A 66 -31.07 -12.09 10.06
C HIS A 66 -30.00 -11.80 11.09
N ARG A 67 -28.76 -12.21 10.80
CA ARG A 67 -27.66 -12.00 11.73
C ARG A 67 -27.36 -10.51 11.94
N ILE A 68 -27.37 -9.72 10.87
CA ILE A 68 -27.10 -8.30 11.02
C ILE A 68 -28.28 -7.62 11.74
N GLY A 69 -29.43 -8.28 11.73
CA GLY A 69 -30.59 -7.74 12.41
C GLY A 69 -30.43 -7.87 13.92
N GLU A 70 -29.83 -8.98 14.34
CA GLU A 70 -29.58 -9.29 15.75
C GLU A 70 -28.64 -8.27 16.40
N SER A 71 -27.64 -7.85 15.64
CA SER A 71 -26.63 -6.90 16.11
C SER A 71 -27.15 -5.52 16.50
N LYS A 72 -28.24 -5.09 15.87
CA LYS A 72 -28.82 -3.77 16.12
C LYS A 72 -27.89 -2.65 15.63
N ALA A 73 -26.84 -3.02 14.92
CA ALA A 73 -25.87 -2.05 14.40
C ALA A 73 -26.39 -1.23 13.24
N LEU A 74 -25.74 -0.08 13.01
CA LEU A 74 -26.07 0.84 11.94
C LEU A 74 -25.93 0.13 10.59
N VAL A 75 -26.95 0.29 9.75
CA VAL A 75 -26.97 -0.29 8.42
C VAL A 75 -26.88 0.86 7.42
N VAL A 76 -25.91 0.76 6.52
CA VAL A 76 -25.73 1.77 5.48
C VAL A 76 -26.31 1.12 4.23
N ASN A 77 -27.44 1.65 3.77
CA ASN A 77 -28.08 1.12 2.56
C ASN A 77 -27.88 2.12 1.46
N ILE A 78 -27.13 1.70 0.45
CA ILE A 78 -26.85 2.54 -0.68
C ILE A 78 -27.74 2.13 -1.85
N VAL A 79 -28.37 3.13 -2.45
CA VAL A 79 -29.24 2.92 -3.57
C VAL A 79 -28.85 3.87 -4.70
N ASP A 80 -29.33 3.55 -5.89
CA ASP A 80 -29.08 4.34 -7.09
C ASP A 80 -30.26 5.33 -7.13
N ILE A 81 -29.96 6.63 -7.18
CA ILE A 81 -31.02 7.64 -7.20
C ILE A 81 -31.85 7.67 -8.50
N PHE A 82 -31.33 7.06 -9.56
CA PHE A 82 -32.01 7.01 -10.85
C PHE A 82 -32.83 5.75 -11.00
N ASP A 83 -32.62 4.80 -10.09
CA ASP A 83 -33.35 3.55 -10.09
C ASP A 83 -33.51 3.10 -8.65
N PHE A 84 -34.25 3.90 -7.90
CA PHE A 84 -34.51 3.63 -6.49
C PHE A 84 -35.28 2.33 -6.31
N ASN A 85 -36.30 2.13 -7.13
CA ASN A 85 -37.11 0.93 -7.07
C ASN A 85 -36.29 -0.31 -7.36
N GLY A 86 -35.30 -0.17 -8.23
CA GLY A 86 -34.42 -1.28 -8.56
C GLY A 86 -33.28 -1.42 -7.57
N SER A 87 -33.32 -0.62 -6.50
CA SER A 87 -32.29 -0.67 -5.46
C SER A 87 -32.89 -1.08 -4.12
N PHE A 88 -34.19 -1.34 -4.10
CA PHE A 88 -34.89 -1.75 -2.90
C PHE A 88 -34.53 -3.21 -2.63
N ILE A 89 -34.40 -3.58 -1.36
CA ILE A 89 -34.00 -4.93 -0.98
C ILE A 89 -35.06 -5.78 -0.22
N PRO A 90 -36.36 -5.68 -0.62
CA PRO A 90 -37.45 -6.43 0.02
C PRO A 90 -37.02 -7.59 0.91
N GLY A 91 -36.90 -7.29 2.20
CA GLY A 91 -36.48 -8.27 3.19
C GLY A 91 -35.60 -7.52 4.18
N LEU A 92 -35.23 -6.29 3.81
CA LEU A 92 -34.40 -5.47 4.64
C LEU A 92 -35.11 -4.97 5.91
N PRO A 93 -36.18 -4.16 5.77
CA PRO A 93 -36.87 -3.67 6.98
C PRO A 93 -37.64 -4.76 7.73
N ARG A 94 -37.76 -5.93 7.10
CA ARG A 94 -38.44 -7.07 7.72
C ARG A 94 -37.49 -7.68 8.74
N PHE A 95 -36.20 -7.63 8.43
CA PHE A 95 -35.15 -8.17 9.30
C PHE A 95 -34.38 -7.08 10.04
N ALA A 96 -34.51 -5.83 9.61
CA ALA A 96 -33.78 -4.73 10.22
C ALA A 96 -34.61 -3.64 10.86
N ALA A 97 -35.73 -4.03 11.48
CA ALA A 97 -36.62 -3.08 12.13
C ALA A 97 -35.95 -2.31 13.28
N ASP A 98 -35.17 -3.01 14.08
CA ASP A 98 -34.47 -2.41 15.22
C ASP A 98 -33.15 -1.73 14.88
N ASN A 99 -32.70 -1.89 13.65
CA ASN A 99 -31.43 -1.30 13.22
C ASN A 99 -31.57 0.09 12.64
N PRO A 100 -30.74 1.03 13.12
CA PRO A 100 -30.85 2.38 12.56
C PRO A 100 -30.25 2.30 11.15
N ILE A 101 -30.99 2.78 10.15
CA ILE A 101 -30.44 2.73 8.80
C ILE A 101 -30.21 4.09 8.14
N LEU A 102 -29.00 4.22 7.58
CA LEU A 102 -28.59 5.42 6.88
C LEU A 102 -28.84 5.12 5.41
N LEU A 103 -29.61 5.99 4.76
CA LEU A 103 -29.94 5.80 3.35
C LEU A 103 -28.99 6.68 2.54
N VAL A 104 -28.17 6.05 1.70
CA VAL A 104 -27.22 6.78 0.88
C VAL A 104 -27.58 6.67 -0.62
N GLY A 105 -27.81 7.83 -1.24
CA GLY A 105 -28.14 7.86 -2.65
C GLY A 105 -26.90 8.14 -3.49
N ASN A 106 -26.45 7.13 -4.23
CA ASN A 106 -25.25 7.26 -5.06
C ASN A 106 -25.51 7.81 -6.47
N LYS A 107 -24.43 8.16 -7.17
CA LYS A 107 -24.46 8.70 -8.54
C LYS A 107 -24.97 10.13 -8.68
N ALA A 108 -24.80 10.93 -7.63
CA ALA A 108 -25.25 12.32 -7.64
C ALA A 108 -24.53 13.20 -8.68
N ASP A 109 -23.42 12.71 -9.22
CA ASP A 109 -22.67 13.47 -10.22
C ASP A 109 -23.31 13.48 -11.60
N LEU A 110 -24.27 12.59 -11.83
CA LEU A 110 -24.96 12.51 -13.13
C LEU A 110 -26.17 13.42 -13.15
N LEU A 111 -26.53 13.94 -11.99
CA LEU A 111 -27.67 14.83 -11.81
C LEU A 111 -27.53 16.15 -12.54
N PRO A 112 -28.63 16.61 -13.18
CA PRO A 112 -28.61 17.88 -13.91
C PRO A 112 -28.43 18.97 -12.85
N ARG A 113 -27.62 19.98 -13.16
CA ARG A 113 -27.36 21.05 -12.20
C ARG A 113 -28.63 21.76 -11.73
N SER A 114 -29.68 21.68 -12.52
CA SER A 114 -30.97 22.29 -12.19
C SER A 114 -31.74 21.57 -11.09
N VAL A 115 -31.27 20.38 -10.70
CA VAL A 115 -31.93 19.62 -9.64
C VAL A 115 -31.60 20.24 -8.29
N LYS A 116 -32.63 20.39 -7.46
CA LYS A 116 -32.48 20.96 -6.14
C LYS A 116 -32.36 19.82 -5.14
N TYR A 117 -31.21 19.76 -4.45
CA TYR A 117 -30.92 18.72 -3.46
C TYR A 117 -31.99 18.49 -2.39
N PRO A 118 -32.53 19.59 -1.80
CA PRO A 118 -33.56 19.46 -0.77
C PRO A 118 -34.78 18.69 -1.27
N LYS A 119 -35.14 18.92 -2.53
CA LYS A 119 -36.27 18.24 -3.17
C LYS A 119 -35.99 16.75 -3.29
N LEU A 120 -34.83 16.43 -3.87
CA LEU A 120 -34.41 15.05 -4.05
C LEU A 120 -34.35 14.37 -2.69
N LEU A 121 -33.74 15.07 -1.74
CA LEU A 121 -33.59 14.61 -0.36
C LEU A 121 -34.93 14.20 0.23
N ARG A 122 -35.89 15.12 0.17
CA ARG A 122 -37.23 14.87 0.69
C ARG A 122 -37.96 13.82 -0.16
N TRP A 123 -37.70 13.81 -1.47
CA TRP A 123 -38.34 12.81 -2.32
C TRP A 123 -37.86 11.40 -1.95
N MET A 124 -36.55 11.19 -1.85
CA MET A 124 -36.08 9.85 -1.51
C MET A 124 -36.46 9.37 -0.13
N ARG A 125 -36.53 10.30 0.84
CA ARG A 125 -36.95 9.92 2.19
C ARG A 125 -38.40 9.44 2.05
N ARG A 126 -39.20 10.23 1.32
CA ARG A 126 -40.60 9.90 1.10
C ARG A 126 -40.74 8.60 0.30
N MET A 127 -39.85 8.40 -0.66
CA MET A 127 -39.86 7.20 -1.48
C MET A 127 -39.49 5.97 -0.65
N ALA A 128 -38.61 6.17 0.32
CA ALA A 128 -38.17 5.09 1.22
C ALA A 128 -39.21 4.87 2.31
N GLU A 129 -39.76 5.97 2.79
CA GLU A 129 -40.78 5.93 3.84
C GLU A 129 -41.94 5.05 3.39
N GLU A 130 -42.30 5.21 2.12
CA GLU A 130 -43.40 4.46 1.50
C GLU A 130 -43.18 2.95 1.45
N LEU A 131 -41.92 2.52 1.55
CA LEU A 131 -41.58 1.09 1.46
C LEU A 131 -41.25 0.37 2.76
N GLY A 132 -41.80 0.84 3.88
CA GLY A 132 -41.52 0.20 5.16
C GLY A 132 -40.14 0.53 5.68
N LEU A 133 -39.35 1.22 4.86
CA LEU A 133 -38.00 1.62 5.23
C LEU A 133 -38.05 3.04 5.80
N CYS A 134 -37.67 3.18 7.06
CA CYS A 134 -37.68 4.48 7.72
C CYS A 134 -36.27 4.84 8.18
N PRO A 135 -35.50 5.50 7.29
CA PRO A 135 -34.13 5.91 7.57
C PRO A 135 -33.95 7.01 8.60
N VAL A 136 -32.89 6.85 9.41
CA VAL A 136 -32.52 7.79 10.46
C VAL A 136 -32.05 9.08 9.80
N ASP A 137 -31.47 8.96 8.61
CA ASP A 137 -30.99 10.12 7.86
C ASP A 137 -30.79 9.70 6.40
N VAL A 138 -30.55 10.68 5.54
CA VAL A 138 -30.34 10.41 4.12
C VAL A 138 -29.20 11.26 3.60
N CYS A 139 -28.35 10.65 2.80
CA CYS A 139 -27.20 11.33 2.22
C CYS A 139 -27.14 11.16 0.71
N LEU A 140 -26.44 12.09 0.07
CA LEU A 140 -26.25 12.08 -1.37
C LEU A 140 -24.76 12.06 -1.60
N VAL A 141 -24.29 11.08 -2.34
CA VAL A 141 -22.87 11.00 -2.62
C VAL A 141 -22.62 10.61 -4.06
N SER A 142 -21.38 10.79 -4.47
CA SER A 142 -20.92 10.38 -5.78
C SER A 142 -19.68 9.59 -5.44
N ALA A 143 -19.86 8.30 -5.27
CA ALA A 143 -18.76 7.40 -4.94
C ALA A 143 -17.62 7.46 -5.95
N ALA A 144 -17.94 7.79 -7.20
CA ALA A 144 -16.97 7.88 -8.28
C ALA A 144 -16.14 9.16 -8.26
N LYS A 145 -16.79 10.27 -7.92
CA LYS A 145 -16.13 11.58 -7.89
C LYS A 145 -15.73 12.04 -6.49
N GLY A 146 -16.01 11.22 -5.47
CA GLY A 146 -15.66 11.57 -4.11
C GLY A 146 -16.48 12.68 -3.48
N ILE A 147 -17.47 13.17 -4.21
CA ILE A 147 -18.35 14.24 -3.75
C ILE A 147 -19.34 13.75 -2.68
N GLY A 148 -19.39 14.46 -1.56
CA GLY A 148 -20.31 14.11 -0.49
C GLY A 148 -19.82 12.97 0.39
N MET A 149 -18.64 12.43 0.09
CA MET A 149 -18.07 11.33 0.88
C MET A 149 -17.67 11.73 2.29
N ALA A 150 -17.19 12.96 2.45
CA ALA A 150 -16.77 13.46 3.76
C ALA A 150 -17.98 13.54 4.68
N LYS A 151 -19.08 14.10 4.17
CA LYS A 151 -20.31 14.22 4.93
C LYS A 151 -20.88 12.86 5.35
N VAL A 152 -20.91 11.91 4.41
CA VAL A 152 -21.44 10.59 4.72
C VAL A 152 -20.62 9.85 5.77
N MET A 153 -19.32 10.11 5.81
CA MET A 153 -18.44 9.49 6.82
C MET A 153 -18.73 10.05 8.22
N GLU A 154 -18.97 11.36 8.30
CA GLU A 154 -19.29 11.99 9.57
C GLU A 154 -20.61 11.41 10.06
N ALA A 155 -21.54 11.21 9.13
CA ALA A 155 -22.85 10.66 9.44
C ALA A 155 -22.76 9.23 9.95
N ILE A 156 -21.83 8.46 9.39
CA ILE A 156 -21.65 7.07 9.80
C ILE A 156 -21.08 7.00 11.21
N ASN A 157 -20.09 7.84 11.50
CA ASN A 157 -19.47 7.86 12.83
C ASN A 157 -20.48 8.30 13.90
N ARG A 158 -21.36 9.22 13.52
CA ARG A 158 -22.39 9.72 14.44
C ARG A 158 -23.47 8.70 14.77
N TYR A 159 -24.09 8.13 13.74
CA TYR A 159 -25.17 7.17 13.93
C TYR A 159 -24.80 5.76 14.34
N ARG A 160 -23.52 5.39 14.25
CA ARG A 160 -23.13 4.04 14.68
C ARG A 160 -22.80 4.12 16.17
N GLU A 161 -22.49 5.34 16.61
CA GLU A 161 -22.10 5.67 17.97
C GLU A 161 -20.79 5.04 18.36
N GLY A 162 -20.75 3.73 18.54
CA GLY A 162 -19.50 3.10 18.88
C GLY A 162 -19.44 1.68 18.37
N GLY A 163 -20.55 1.24 17.78
CA GLY A 163 -20.63 -0.11 17.27
C GLY A 163 -20.14 -0.27 15.86
N ASP A 164 -20.47 -1.42 15.29
CA ASP A 164 -20.08 -1.74 13.93
C ASP A 164 -21.02 -1.03 12.94
N VAL A 165 -20.88 -1.40 11.67
CA VAL A 165 -21.71 -0.89 10.61
C VAL A 165 -21.66 -1.85 9.44
N TYR A 166 -22.83 -2.14 8.89
CA TYR A 166 -22.94 -3.05 7.76
C TYR A 166 -23.37 -2.27 6.54
N VAL A 167 -22.64 -2.43 5.44
CA VAL A 167 -22.97 -1.75 4.20
C VAL A 167 -23.76 -2.73 3.33
N VAL A 168 -24.98 -2.33 3.00
CA VAL A 168 -25.89 -3.16 2.22
C VAL A 168 -26.39 -2.46 0.96
N GLY A 169 -26.64 -3.25 -0.08
CA GLY A 169 -27.11 -2.71 -1.35
C GLY A 169 -27.13 -3.74 -2.46
N CYS A 170 -27.99 -3.50 -3.45
CA CYS A 170 -28.11 -4.38 -4.62
C CYS A 170 -26.93 -4.13 -5.55
N THR A 171 -26.83 -4.92 -6.63
CA THR A 171 -25.76 -4.74 -7.62
C THR A 171 -26.10 -3.58 -8.56
N ASN A 172 -25.06 -2.99 -9.16
CA ASN A 172 -25.17 -1.85 -10.08
C ASN A 172 -25.64 -0.57 -9.39
N VAL A 173 -25.33 -0.46 -8.10
CA VAL A 173 -25.70 0.70 -7.29
C VAL A 173 -24.47 1.55 -6.97
N GLY A 174 -23.30 0.94 -7.03
CA GLY A 174 -22.06 1.64 -6.76
C GLY A 174 -21.46 1.28 -5.40
N LYS A 175 -21.87 0.14 -4.84
CA LYS A 175 -21.37 -0.28 -3.53
C LYS A 175 -19.87 -0.56 -3.47
N SER A 176 -19.33 -1.19 -4.51
CA SER A 176 -17.90 -1.49 -4.58
C SER A 176 -17.05 -0.23 -4.73
N THR A 177 -17.54 0.73 -5.50
CA THR A 177 -16.81 1.97 -5.70
C THR A 177 -16.83 2.74 -4.38
N PHE A 178 -17.98 2.74 -3.73
CA PHE A 178 -18.16 3.40 -2.44
C PHE A 178 -17.23 2.76 -1.40
N ILE A 179 -17.28 1.42 -1.30
CA ILE A 179 -16.44 0.68 -0.36
C ILE A 179 -14.94 0.83 -0.66
N ASN A 180 -14.59 0.91 -1.95
CA ASN A 180 -13.19 1.07 -2.36
C ASN A 180 -12.58 2.36 -1.80
N ARG A 181 -13.37 3.44 -1.78
CA ARG A 181 -12.89 4.70 -1.24
C ARG A 181 -12.62 4.58 0.26
N ILE A 182 -13.45 3.83 0.97
CA ILE A 182 -13.27 3.63 2.40
C ILE A 182 -12.02 2.75 2.63
N ILE A 183 -11.88 1.70 1.83
CA ILE A 183 -10.73 0.78 1.92
C ILE A 183 -9.42 1.55 1.69
N GLU A 184 -9.44 2.44 0.72
CA GLU A 184 -8.27 3.25 0.40
C GLU A 184 -7.87 4.18 1.56
N GLU A 185 -8.87 4.80 2.19
CA GLU A 185 -8.61 5.70 3.31
C GLU A 185 -8.10 4.92 4.53
N ALA A 186 -8.79 3.83 4.86
CA ALA A 186 -8.44 2.98 5.98
C ALA A 186 -7.02 2.42 5.83
N THR A 187 -6.66 2.05 4.61
CA THR A 187 -5.35 1.51 4.32
C THR A 187 -4.29 2.59 4.53
N GLY A 188 -4.61 3.82 4.13
CA GLY A 188 -3.68 4.93 4.30
C GLY A 188 -3.44 5.25 5.76
N LYS A 189 -4.33 4.80 6.64
CA LYS A 189 -4.20 5.04 8.07
C LYS A 189 -3.50 3.91 8.81
N GLY A 190 -3.03 2.91 8.06
CA GLY A 190 -2.33 1.80 8.67
C GLY A 190 -3.15 0.59 9.08
N ASN A 191 -4.45 0.59 8.80
CA ASN A 191 -5.29 -0.54 9.15
C ASN A 191 -5.13 -1.73 8.21
N VAL A 192 -5.57 -2.90 8.68
CA VAL A 192 -5.53 -4.13 7.91
C VAL A 192 -6.96 -4.47 7.49
N ILE A 193 -7.19 -4.63 6.20
CA ILE A 193 -8.51 -4.96 5.66
C ILE A 193 -8.56 -6.46 5.38
N THR A 194 -9.60 -7.12 5.86
CA THR A 194 -9.72 -8.57 5.70
C THR A 194 -10.95 -9.04 4.91
N THR A 195 -10.70 -10.01 4.05
CA THR A 195 -11.72 -10.62 3.22
C THR A 195 -11.91 -12.01 3.80
N SER A 196 -13.14 -12.37 4.10
CA SER A 196 -13.43 -13.67 4.65
C SER A 196 -14.91 -14.02 4.44
N TYR A 197 -15.35 -15.06 5.15
CA TYR A 197 -16.71 -15.54 5.08
C TYR A 197 -17.66 -14.96 6.13
N PHE A 198 -18.80 -14.41 5.70
CA PHE A 198 -19.88 -13.99 6.64
C PHE A 198 -20.45 -15.46 6.92
N PRO A 199 -20.71 -15.85 8.17
CA PRO A 199 -21.22 -17.14 8.65
C PRO A 199 -21.95 -18.12 7.68
N GLY A 200 -22.28 -17.65 6.47
CA GLY A 200 -22.96 -18.47 5.48
C GLY A 200 -22.08 -19.47 4.75
N THR A 201 -21.29 -18.99 3.78
CA THR A 201 -20.35 -19.78 2.96
C THR A 201 -20.03 -18.98 1.69
N THR A 202 -20.83 -19.21 0.65
CA THR A 202 -20.65 -18.52 -0.63
C THR A 202 -20.46 -17.02 -0.45
N LEU A 203 -21.03 -16.49 0.64
CA LEU A 203 -20.98 -15.08 0.93
C LEU A 203 -19.67 -14.52 1.45
N ASP A 204 -18.99 -13.76 0.59
CA ASP A 204 -17.75 -13.10 0.96
C ASP A 204 -18.10 -11.77 1.61
N MET A 205 -17.33 -11.37 2.62
CA MET A 205 -17.56 -10.09 3.27
C MET A 205 -16.21 -9.41 3.47
N ILE A 206 -16.23 -8.08 3.51
CA ILE A 206 -15.01 -7.33 3.71
C ILE A 206 -15.09 -6.61 5.05
N GLU A 207 -14.08 -6.82 5.89
CA GLU A 207 -14.03 -6.21 7.21
C GLU A 207 -13.09 -5.01 7.20
N ILE A 208 -13.61 -3.84 7.52
CA ILE A 208 -12.78 -2.66 7.55
C ILE A 208 -12.76 -2.09 8.95
N PRO A 209 -11.63 -2.20 9.63
CA PRO A 209 -11.43 -1.71 10.99
C PRO A 209 -11.66 -0.22 11.18
N LEU A 210 -12.47 0.10 12.17
CA LEU A 210 -12.75 1.48 12.54
C LEU A 210 -12.03 1.55 13.90
N GLU A 211 -11.85 2.73 14.45
CA GLU A 211 -11.15 2.83 15.73
C GLU A 211 -11.80 2.07 16.88
N SER A 212 -10.96 1.66 17.82
CA SER A 212 -11.34 0.95 19.03
C SER A 212 -12.27 -0.27 18.95
N GLY A 213 -11.81 -1.32 18.30
CA GLY A 213 -12.60 -2.53 18.20
C GLY A 213 -13.72 -2.63 17.17
N ALA A 214 -14.38 -1.51 16.89
CA ALA A 214 -15.48 -1.50 15.92
C ALA A 214 -15.03 -1.85 14.50
N THR A 215 -15.98 -2.36 13.70
CA THR A 215 -15.74 -2.77 12.33
C THR A 215 -16.88 -2.49 11.32
N LEU A 216 -16.50 -1.88 10.19
CA LEU A 216 -17.38 -1.59 9.06
C LEU A 216 -17.29 -2.86 8.18
N TYR A 217 -18.43 -3.46 7.84
CA TYR A 217 -18.44 -4.67 7.00
C TYR A 217 -19.14 -4.44 5.67
N ASP A 218 -18.52 -4.90 4.58
CA ASP A 218 -19.10 -4.80 3.23
C ASP A 218 -19.76 -6.14 2.98
N THR A 219 -21.05 -6.07 2.73
CA THR A 219 -21.87 -7.25 2.51
C THR A 219 -21.93 -7.58 1.02
N PRO A 220 -22.16 -8.87 0.68
CA PRO A 220 -22.23 -9.28 -0.72
C PRO A 220 -23.04 -8.32 -1.56
N GLY A 221 -22.31 -7.60 -2.42
CA GLY A 221 -22.87 -6.60 -3.29
C GLY A 221 -23.98 -7.17 -4.11
N ILE A 222 -24.05 -8.49 -4.09
CA ILE A 222 -25.07 -9.15 -4.83
C ILE A 222 -26.43 -8.70 -4.36
N ILE A 223 -27.41 -9.56 -4.60
CA ILE A 223 -28.81 -9.28 -4.31
C ILE A 223 -29.19 -8.53 -5.55
N ASN A 224 -29.22 -9.28 -6.63
CA ASN A 224 -29.61 -8.72 -7.89
C ASN A 224 -31.14 -8.71 -7.85
N HIS A 225 -31.75 -7.77 -8.57
CA HIS A 225 -33.21 -7.85 -8.66
C HIS A 225 -33.82 -7.51 -10.03
N HIS A 226 -34.94 -6.78 -10.09
CA HIS A 226 -35.55 -6.39 -11.37
C HIS A 226 -35.44 -4.90 -11.74
N GLN A 227 -34.23 -4.50 -12.10
CA GLN A 227 -33.97 -3.14 -12.49
C GLN A 227 -33.71 -3.13 -14.00
N MET A 228 -33.75 -1.96 -14.63
CA MET A 228 -33.53 -1.86 -16.07
C MET A 228 -32.23 -2.56 -16.50
N ALA A 229 -31.16 -2.36 -15.74
CA ALA A 229 -29.85 -2.95 -16.01
C ALA A 229 -29.84 -4.43 -16.35
N HIS A 230 -30.68 -5.20 -15.66
CA HIS A 230 -30.77 -6.65 -15.87
C HIS A 230 -31.41 -7.12 -17.18
N PHE A 231 -32.09 -6.22 -17.88
CA PHE A 231 -32.74 -6.57 -19.15
C PHE A 231 -31.86 -6.19 -20.33
N VAL A 232 -30.75 -5.53 -20.02
CA VAL A 232 -29.81 -5.08 -21.02
C VAL A 232 -28.48 -5.82 -20.86
N ASP A 233 -27.90 -6.25 -21.98
CA ASP A 233 -26.63 -6.95 -21.95
C ASP A 233 -25.50 -5.95 -21.73
N ALA A 234 -24.34 -6.47 -21.34
CA ALA A 234 -23.17 -5.62 -21.15
C ALA A 234 -22.71 -5.31 -22.58
N ARG A 235 -22.69 -4.02 -22.89
CA ARG A 235 -22.30 -3.46 -24.20
C ARG A 235 -23.27 -2.33 -24.43
N ASP A 236 -24.56 -2.60 -24.20
CA ASP A 236 -25.61 -1.60 -24.35
C ASP A 236 -25.83 -0.91 -23.00
N LEU A 237 -25.40 -1.56 -21.92
CA LEU A 237 -25.55 -0.99 -20.58
C LEU A 237 -24.69 0.26 -20.49
N LYS A 238 -23.60 0.28 -21.25
CA LYS A 238 -22.69 1.42 -21.29
C LYS A 238 -23.47 2.66 -21.71
N ILE A 239 -24.29 2.49 -22.75
CA ILE A 239 -25.11 3.56 -23.32
C ILE A 239 -26.18 4.06 -22.37
N ILE A 240 -26.92 3.13 -21.76
CA ILE A 240 -27.95 3.49 -20.79
C ILE A 240 -27.30 4.28 -19.66
N THR A 241 -26.05 3.93 -19.37
CA THR A 241 -25.25 4.58 -18.33
C THR A 241 -24.60 5.87 -18.83
N PRO A 242 -24.87 6.99 -18.13
CA PRO A 242 -24.31 8.29 -18.49
C PRO A 242 -22.84 8.42 -18.06
N LYS A 243 -22.04 9.08 -18.88
CA LYS A 243 -20.64 9.30 -18.57
C LYS A 243 -20.51 10.56 -17.72
N ARG A 244 -21.41 11.52 -17.98
CA ARG A 244 -21.39 12.80 -17.27
C ARG A 244 -22.80 13.27 -16.90
N GLU A 245 -22.87 14.49 -16.36
CA GLU A 245 -24.10 15.13 -15.95
C GLU A 245 -25.13 15.14 -17.09
N ILE A 246 -26.39 14.89 -16.75
CA ILE A 246 -27.44 14.84 -17.75
C ILE A 246 -27.92 16.20 -18.26
N HIS A 247 -27.92 16.35 -19.58
CA HIS A 247 -28.36 17.56 -20.25
C HIS A 247 -29.83 17.42 -20.66
N PRO A 248 -30.63 18.48 -20.45
CA PRO A 248 -32.05 18.45 -20.81
C PRO A 248 -32.23 18.37 -22.31
N ARG A 249 -33.35 17.79 -22.73
CA ARG A 249 -33.72 17.68 -24.12
C ARG A 249 -35.20 18.05 -24.14
N VAL A 250 -35.49 19.21 -24.72
CA VAL A 250 -36.86 19.73 -24.77
C VAL A 250 -37.62 19.23 -25.99
N TYR A 251 -38.82 18.71 -25.76
CA TYR A 251 -39.65 18.21 -26.85
C TYR A 251 -41.01 18.84 -26.77
N GLN A 252 -41.40 19.54 -27.83
CA GLN A 252 -42.73 20.15 -27.86
C GLN A 252 -43.64 19.13 -28.52
N LEU A 253 -44.56 18.55 -27.76
CA LEU A 253 -45.46 17.53 -28.31
C LEU A 253 -46.92 17.95 -28.46
N ASN A 254 -47.58 17.36 -29.45
CA ASN A 254 -49.01 17.58 -29.67
C ASN A 254 -49.71 16.26 -29.34
N GLU A 255 -50.99 16.32 -28.99
CA GLU A 255 -51.77 15.12 -28.68
C GLU A 255 -51.59 14.13 -29.82
N GLY A 256 -51.53 12.85 -29.49
CA GLY A 256 -51.36 11.85 -30.53
C GLY A 256 -49.93 11.58 -30.96
N GLN A 257 -48.97 11.93 -30.12
CA GLN A 257 -47.57 11.69 -30.45
C GLN A 257 -46.90 10.76 -29.45
N THR A 258 -45.86 10.07 -29.92
CA THR A 258 -45.14 9.11 -29.10
C THR A 258 -43.64 9.32 -29.09
N LEU A 259 -43.02 9.05 -27.94
CA LEU A 259 -41.57 9.16 -27.80
C LEU A 259 -41.02 7.82 -27.34
N PHE A 260 -40.07 7.29 -28.10
CA PHE A 260 -39.41 6.04 -27.76
C PHE A 260 -38.04 6.41 -27.23
N PHE A 261 -37.68 5.83 -26.10
CA PHE A 261 -36.38 6.06 -25.51
C PHE A 261 -35.64 4.77 -25.85
N GLY A 262 -34.90 4.79 -26.96
CA GLY A 262 -34.22 3.58 -27.42
C GLY A 262 -35.34 2.62 -27.76
N GLY A 263 -35.28 1.42 -27.19
CA GLY A 263 -36.33 0.45 -27.39
C GLY A 263 -36.68 -0.04 -25.99
N LEU A 264 -36.23 0.71 -24.99
CA LEU A 264 -36.42 0.39 -23.57
C LEU A 264 -37.70 0.88 -22.92
N ALA A 265 -38.19 2.03 -23.35
CA ALA A 265 -39.39 2.60 -22.76
C ALA A 265 -40.07 3.46 -23.79
N ARG A 266 -41.32 3.83 -23.52
CA ARG A 266 -42.14 4.63 -24.42
C ARG A 266 -43.08 5.55 -23.65
N LEU A 267 -43.36 6.73 -24.22
CA LEU A 267 -44.27 7.72 -23.63
C LEU A 267 -45.28 8.16 -24.70
N ASP A 268 -46.58 7.93 -24.46
CA ASP A 268 -47.62 8.36 -25.41
C ASP A 268 -48.34 9.59 -24.85
N TYR A 269 -48.39 10.65 -25.64
CA TYR A 269 -49.09 11.85 -25.20
C TYR A 269 -50.51 11.69 -25.70
N ILE A 270 -51.40 11.28 -24.81
CA ILE A 270 -52.78 11.04 -25.19
C ILE A 270 -53.63 12.29 -25.44
N LYS A 271 -53.74 13.14 -24.42
CA LYS A 271 -54.58 14.33 -24.53
C LYS A 271 -54.11 15.48 -23.67
N GLY A 272 -54.25 16.71 -24.18
CA GLY A 272 -53.87 17.88 -23.41
C GLY A 272 -53.37 19.15 -24.06
N GLY A 273 -53.38 19.24 -25.39
CA GLY A 273 -52.90 20.45 -26.03
C GLY A 273 -51.38 20.47 -26.17
N ARG A 274 -50.86 21.34 -27.04
CA ARG A 274 -49.41 21.44 -27.27
C ARG A 274 -48.69 21.62 -25.95
N ARG A 275 -47.69 20.77 -25.72
CA ARG A 275 -46.97 20.77 -24.45
C ARG A 275 -45.47 20.55 -24.60
N SER A 276 -44.70 21.11 -23.67
CA SER A 276 -43.25 20.96 -23.67
C SER A 276 -42.83 19.92 -22.63
N PHE A 277 -42.17 18.88 -23.10
CA PHE A 277 -41.68 17.84 -22.21
C PHE A 277 -40.17 17.94 -22.20
N VAL A 278 -39.60 17.97 -21.01
CA VAL A 278 -38.16 18.06 -20.89
C VAL A 278 -37.65 16.69 -20.44
N CYS A 279 -36.94 16.01 -21.33
CA CYS A 279 -36.37 14.68 -21.08
C CYS A 279 -35.01 14.72 -20.37
N TYR A 280 -34.91 14.01 -19.25
CA TYR A 280 -33.67 13.95 -18.48
C TYR A 280 -33.21 12.50 -18.37
N MET A 281 -32.42 12.06 -19.35
CA MET A 281 -31.91 10.70 -19.38
C MET A 281 -30.50 10.70 -19.97
N ALA A 282 -29.87 9.54 -20.01
CA ALA A 282 -28.52 9.42 -20.57
C ALA A 282 -28.55 10.01 -21.96
N ASN A 283 -27.63 10.92 -22.23
CA ASN A 283 -27.59 11.58 -23.53
C ASN A 283 -27.19 10.67 -24.69
N GLU A 284 -26.63 9.51 -24.37
CA GLU A 284 -26.25 8.53 -25.39
C GLU A 284 -27.52 7.82 -25.84
N LEU A 285 -28.54 7.82 -24.99
CA LEU A 285 -29.80 7.18 -25.30
C LEU A 285 -30.47 7.96 -26.40
N THR A 286 -30.60 7.33 -27.55
CA THR A 286 -31.24 7.93 -28.71
C THR A 286 -32.78 7.99 -28.49
N VAL A 287 -33.39 9.10 -28.87
CA VAL A 287 -34.84 9.30 -28.73
C VAL A 287 -35.52 9.35 -30.10
N HIS A 288 -36.70 8.74 -30.20
CA HIS A 288 -37.43 8.73 -31.45
C HIS A 288 -38.86 9.15 -31.26
N ARG A 289 -39.35 9.92 -32.21
CA ARG A 289 -40.70 10.44 -32.14
C ARG A 289 -41.53 10.07 -33.38
N THR A 290 -42.78 9.68 -33.14
CA THR A 290 -43.69 9.32 -34.21
C THR A 290 -45.12 9.46 -33.74
N LYS A 291 -46.07 9.49 -34.67
CA LYS A 291 -47.46 9.62 -34.26
C LYS A 291 -47.92 8.31 -33.66
N LEU A 292 -48.68 8.46 -32.58
CA LEU A 292 -49.22 7.36 -31.80
C LEU A 292 -49.75 6.19 -32.62
N GLU A 293 -50.50 6.51 -33.67
CA GLU A 293 -51.11 5.53 -34.55
C GLU A 293 -50.16 4.56 -35.27
N LYS A 294 -48.86 4.86 -35.26
CA LYS A 294 -47.89 3.99 -35.92
C LYS A 294 -46.83 3.47 -34.93
N ALA A 295 -47.00 3.84 -33.67
CA ALA A 295 -46.05 3.45 -32.62
C ALA A 295 -45.84 1.94 -32.50
N ASP A 296 -46.92 1.16 -32.54
CA ASP A 296 -46.81 -0.30 -32.44
C ASP A 296 -46.17 -0.94 -33.67
N SER A 297 -46.50 -0.43 -34.85
CA SER A 297 -45.94 -0.96 -36.08
C SER A 297 -44.44 -0.67 -36.15
N LEU A 298 -44.04 0.52 -35.69
CA LEU A 298 -42.63 0.88 -35.69
C LEU A 298 -41.85 0.00 -34.72
N TYR A 299 -42.39 -0.17 -33.52
CA TYR A 299 -41.73 -0.98 -32.50
C TYR A 299 -41.58 -2.45 -32.90
N ALA A 300 -42.48 -2.95 -33.73
CA ALA A 300 -42.41 -4.34 -34.19
C ALA A 300 -41.37 -4.56 -35.27
N ASN A 301 -41.08 -3.52 -36.04
CA ASN A 301 -40.12 -3.64 -37.14
C ASN A 301 -38.75 -3.00 -36.89
N GLN A 302 -38.69 -2.03 -35.98
CA GLN A 302 -37.43 -1.34 -35.71
C GLN A 302 -36.75 -1.67 -34.39
N LEU A 303 -37.35 -2.56 -33.62
CA LEU A 303 -36.79 -2.98 -32.34
C LEU A 303 -35.48 -3.71 -32.66
N GLY A 304 -34.41 -3.31 -32.00
CA GLY A 304 -33.12 -3.94 -32.25
C GLY A 304 -32.37 -3.23 -33.37
N GLU A 305 -33.10 -2.47 -34.19
CA GLU A 305 -32.51 -1.73 -35.30
C GLU A 305 -32.48 -0.23 -34.94
N LEU A 306 -33.48 0.52 -35.41
CA LEU A 306 -33.53 1.94 -35.10
C LEU A 306 -33.84 2.15 -33.61
N LEU A 307 -34.63 1.25 -33.05
CA LEU A 307 -35.02 1.30 -31.65
C LEU A 307 -34.12 0.40 -30.81
N SER A 308 -32.97 0.95 -30.43
CA SER A 308 -31.98 0.26 -29.62
C SER A 308 -31.26 1.26 -28.75
N PRO A 309 -30.77 0.82 -27.59
CA PRO A 309 -30.88 -0.55 -27.09
C PRO A 309 -32.34 -0.99 -26.93
N PRO A 310 -32.59 -2.31 -26.92
CA PRO A 310 -31.68 -3.44 -27.05
C PRO A 310 -31.21 -3.69 -28.47
N SER A 311 -29.99 -4.20 -28.61
CA SER A 311 -29.42 -4.51 -29.92
C SER A 311 -30.15 -5.69 -30.56
N LYS A 312 -30.20 -5.72 -31.89
CA LYS A 312 -30.88 -6.80 -32.61
C LYS A 312 -30.49 -8.20 -32.17
N ARG A 313 -29.30 -8.32 -31.57
CA ARG A 313 -28.83 -9.60 -31.08
C ARG A 313 -29.84 -10.25 -30.14
N TYR A 314 -30.11 -9.59 -29.02
CA TYR A 314 -31.05 -10.15 -28.04
C TYR A 314 -32.47 -9.59 -28.07
N ALA A 315 -33.00 -9.39 -29.27
CA ALA A 315 -34.37 -8.92 -29.45
C ALA A 315 -35.25 -10.17 -29.28
N ALA A 316 -34.63 -11.22 -28.76
CA ALA A 316 -35.24 -12.53 -28.47
C ALA A 316 -34.91 -12.80 -27.00
N GLU A 317 -34.95 -11.74 -26.21
CA GLU A 317 -34.68 -11.76 -24.77
C GLU A 317 -35.50 -10.63 -24.21
N PHE A 318 -35.51 -9.53 -24.96
CA PHE A 318 -36.21 -8.36 -24.49
C PHE A 318 -37.67 -8.56 -24.14
N PRO A 319 -37.98 -8.35 -22.87
CA PRO A 319 -39.33 -8.48 -22.30
C PRO A 319 -40.28 -7.50 -22.96
N PRO A 320 -41.57 -7.88 -23.05
CA PRO A 320 -42.56 -7.00 -23.65
C PRO A 320 -42.63 -5.72 -22.83
N LEU A 321 -42.96 -4.61 -23.49
CA LEU A 321 -43.13 -3.35 -22.77
C LEU A 321 -44.57 -3.38 -22.27
N VAL A 322 -44.75 -3.10 -20.99
CA VAL A 322 -46.07 -3.10 -20.37
C VAL A 322 -46.64 -1.69 -20.23
N PRO A 323 -47.79 -1.41 -20.86
CA PRO A 323 -48.43 -0.08 -20.78
C PRO A 323 -49.16 0.23 -19.47
N ARG A 324 -49.10 1.50 -19.09
CA ARG A 324 -49.74 1.97 -17.88
C ARG A 324 -50.31 3.36 -18.17
N SER A 325 -51.52 3.61 -17.67
CA SER A 325 -52.19 4.89 -17.89
C SER A 325 -51.82 5.88 -16.80
N LEU A 326 -51.59 7.13 -17.17
CA LEU A 326 -51.20 8.17 -16.22
C LEU A 326 -51.89 9.49 -16.49
N SER A 327 -52.49 10.07 -15.45
CA SER A 327 -53.13 11.38 -15.58
C SER A 327 -52.41 12.36 -14.67
N VAL A 328 -51.67 13.30 -15.28
CA VAL A 328 -50.92 14.31 -14.53
C VAL A 328 -51.86 15.41 -14.05
N LYS A 329 -52.14 15.42 -12.75
CA LYS A 329 -53.04 16.42 -12.20
C LYS A 329 -52.37 17.67 -11.62
N GLU A 330 -51.11 17.56 -11.22
CA GLU A 330 -50.41 18.70 -10.64
C GLU A 330 -49.38 19.36 -11.56
N ARG A 331 -48.96 20.56 -11.19
CA ARG A 331 -47.96 21.32 -11.96
C ARG A 331 -46.55 20.89 -11.56
N LYS A 332 -45.60 21.09 -12.47
CA LYS A 332 -44.20 20.72 -12.23
C LYS A 332 -44.04 19.29 -11.71
N THR A 333 -44.20 18.30 -12.58
CA THR A 333 -44.07 16.91 -12.16
C THR A 333 -43.03 16.16 -12.98
N ASP A 334 -42.57 15.04 -12.43
CA ASP A 334 -41.62 14.20 -13.13
C ASP A 334 -42.28 12.86 -13.42
N ILE A 335 -42.19 12.45 -14.67
CA ILE A 335 -42.70 11.15 -15.09
C ILE A 335 -41.41 10.35 -15.02
N VAL A 336 -41.25 9.60 -13.95
CA VAL A 336 -40.04 8.83 -13.72
C VAL A 336 -39.97 7.43 -14.33
N PHE A 337 -38.95 7.22 -15.15
CA PHE A 337 -38.69 5.94 -15.81
C PHE A 337 -37.48 5.34 -15.10
N SER A 338 -37.72 4.41 -14.20
CA SER A 338 -36.65 3.77 -13.42
C SER A 338 -35.46 3.25 -14.22
N GLY A 339 -34.26 3.57 -13.73
CA GLY A 339 -33.03 3.13 -14.38
C GLY A 339 -32.69 3.91 -15.63
N LEU A 340 -33.58 4.82 -16.02
CA LEU A 340 -33.40 5.62 -17.22
C LEU A 340 -33.27 7.10 -16.91
N GLY A 341 -34.23 7.61 -16.15
CA GLY A 341 -34.25 9.02 -15.80
C GLY A 341 -35.67 9.49 -15.61
N TRP A 342 -36.05 10.57 -16.30
CA TRP A 342 -37.41 11.10 -16.18
C TRP A 342 -37.72 12.23 -17.15
N VAL A 343 -38.99 12.49 -17.38
CA VAL A 343 -39.36 13.60 -18.24
C VAL A 343 -40.24 14.53 -17.42
N THR A 344 -39.92 15.82 -17.48
CA THR A 344 -40.65 16.82 -16.71
C THR A 344 -41.72 17.56 -17.48
N CYS A 345 -42.93 17.59 -16.91
CA CYS A 345 -44.09 18.28 -17.47
C CYS A 345 -44.33 19.48 -16.57
N ASN A 346 -44.10 20.67 -17.10
CA ASN A 346 -44.24 21.89 -16.32
C ASN A 346 -45.68 22.39 -16.15
N ASP A 347 -46.62 21.76 -16.85
CA ASP A 347 -48.03 22.12 -16.78
C ASP A 347 -48.88 20.90 -16.46
N PRO A 348 -50.06 21.09 -15.83
CA PRO A 348 -50.95 19.98 -15.46
C PRO A 348 -51.95 19.66 -16.59
N GLY A 349 -52.71 18.58 -16.41
CA GLY A 349 -53.70 18.20 -17.42
C GLY A 349 -53.27 17.03 -18.30
N ALA A 350 -51.97 16.81 -18.43
CA ALA A 350 -51.45 15.72 -19.27
C ALA A 350 -52.10 14.35 -19.03
N GLN A 351 -52.49 13.71 -20.12
CA GLN A 351 -53.08 12.39 -20.10
C GLN A 351 -52.07 11.57 -20.89
N LEU A 352 -51.55 10.51 -20.28
CA LEU A 352 -50.52 9.72 -20.93
C LEU A 352 -50.62 8.22 -20.74
N VAL A 353 -49.87 7.51 -21.58
CA VAL A 353 -49.73 6.06 -21.49
C VAL A 353 -48.21 5.82 -21.57
N VAL A 354 -47.64 5.23 -20.52
CA VAL A 354 -46.21 4.95 -20.47
C VAL A 354 -45.91 3.44 -20.52
N HIS A 355 -44.88 3.06 -21.26
CA HIS A 355 -44.51 1.66 -21.38
C HIS A 355 -43.06 1.41 -20.92
N ALA A 356 -42.84 0.28 -20.27
CA ALA A 356 -41.52 -0.12 -19.80
C ALA A 356 -41.64 -1.61 -19.46
N PRO A 357 -40.50 -2.31 -19.35
CA PRO A 357 -40.58 -3.74 -19.03
C PRO A 357 -41.25 -4.00 -17.68
N LYS A 358 -41.86 -5.17 -17.55
CA LYS A 358 -42.52 -5.56 -16.31
C LYS A 358 -41.47 -5.53 -15.21
N GLY A 359 -41.83 -4.96 -14.07
CA GLY A 359 -40.90 -4.89 -12.96
C GLY A 359 -40.29 -3.51 -12.79
N VAL A 360 -39.96 -2.83 -13.91
CA VAL A 360 -39.38 -1.50 -13.83
C VAL A 360 -40.52 -0.51 -13.64
N ASP A 361 -40.41 0.28 -12.58
CA ASP A 361 -41.43 1.23 -12.20
C ASP A 361 -41.42 2.55 -12.97
N VAL A 362 -42.62 2.98 -13.37
CA VAL A 362 -42.79 4.26 -14.05
C VAL A 362 -43.90 4.93 -13.26
N PHE A 363 -43.66 6.14 -12.77
CA PHE A 363 -44.66 6.83 -11.95
C PHE A 363 -44.39 8.31 -11.96
N ILE A 364 -45.31 9.09 -11.39
CA ILE A 364 -45.11 10.53 -11.34
C ILE A 364 -44.83 11.03 -9.92
N ARG A 365 -44.03 12.09 -9.82
CA ARG A 365 -43.67 12.68 -8.53
C ARG A 365 -43.56 14.19 -8.75
N GLN A 366 -43.52 14.95 -7.66
CA GLN A 366 -43.36 16.41 -7.76
C GLN A 366 -41.96 16.60 -8.31
N SER A 367 -41.81 17.49 -9.29
CA SER A 367 -40.49 17.69 -9.90
C SER A 367 -39.35 17.97 -8.92
N LEU A 368 -38.19 17.45 -9.25
CA LEU A 368 -36.99 17.64 -8.44
C LEU A 368 -36.29 18.89 -8.93
N ILE A 369 -36.79 19.44 -10.03
CA ILE A 369 -36.23 20.63 -10.65
C ILE A 369 -36.95 21.88 -10.11
N ASP B 59 31.05 -24.76 19.93
CA ASP B 59 31.94 -25.89 20.15
C ASP B 59 33.22 -25.43 20.86
N ASP B 60 34.33 -25.41 20.14
CA ASP B 60 35.58 -24.95 20.72
C ASP B 60 35.44 -23.45 20.95
N PHE B 61 34.73 -22.78 20.05
CA PHE B 61 34.47 -21.34 20.15
C PHE B 61 33.54 -21.01 21.29
N LEU B 62 32.51 -21.83 21.46
CA LEU B 62 31.53 -21.62 22.52
C LEU B 62 32.16 -21.84 23.90
N SER B 63 32.97 -22.88 24.02
CA SER B 63 33.64 -23.16 25.28
C SER B 63 34.60 -22.03 25.62
N MET B 64 35.16 -21.42 24.57
CA MET B 64 36.09 -20.30 24.71
C MET B 64 35.28 -19.09 25.17
N LEU B 65 34.16 -18.84 24.52
CA LEU B 65 33.28 -17.73 24.89
C LEU B 65 32.76 -17.90 26.30
N HIS B 66 32.54 -19.16 26.69
CA HIS B 66 32.05 -19.49 28.02
C HIS B 66 33.15 -19.19 29.04
N ARG B 67 34.39 -19.46 28.66
CA ARG B 67 35.56 -19.23 29.52
C ARG B 67 35.83 -17.75 29.73
N ILE B 68 35.89 -16.98 28.65
CA ILE B 68 36.11 -15.54 28.79
C ILE B 68 34.87 -14.94 29.46
N GLY B 69 33.75 -15.64 29.33
CA GLY B 69 32.52 -15.21 29.96
C GLY B 69 32.61 -15.32 31.48
N GLU B 70 33.05 -16.47 31.98
CA GLU B 70 33.17 -16.64 33.42
C GLU B 70 34.20 -15.70 34.03
N SER B 71 35.23 -15.35 33.25
CA SER B 71 36.21 -14.39 33.71
C SER B 71 35.45 -13.09 33.46
N LYS B 72 35.50 -12.14 34.38
CA LYS B 72 34.76 -10.90 34.16
C LYS B 72 35.63 -9.86 33.47
N ALA B 73 36.62 -10.34 32.72
CA ALA B 73 37.56 -9.45 32.04
C ALA B 73 36.97 -8.61 30.91
N LEU B 74 37.65 -7.50 30.64
CA LEU B 74 37.26 -6.58 29.58
C LEU B 74 37.33 -7.31 28.24
N VAL B 75 36.29 -7.16 27.42
CA VAL B 75 36.27 -7.77 26.10
C VAL B 75 36.31 -6.65 25.07
N VAL B 76 37.32 -6.68 24.22
CA VAL B 76 37.43 -5.68 23.16
C VAL B 76 36.85 -6.35 21.93
N ASN B 77 35.73 -5.83 21.44
CA ASN B 77 35.08 -6.39 20.26
C ASN B 77 35.29 -5.40 19.11
N ILE B 78 36.11 -5.80 18.15
CA ILE B 78 36.38 -4.95 17.00
C ILE B 78 35.44 -5.27 15.83
N VAL B 79 34.88 -4.23 15.25
CA VAL B 79 33.94 -4.38 14.14
C VAL B 79 34.28 -3.46 12.99
N ASP B 80 33.82 -3.85 11.80
CA ASP B 80 34.01 -3.08 10.58
C ASP B 80 32.84 -2.10 10.56
N ILE B 81 33.14 -0.81 10.45
CA ILE B 81 32.10 0.21 10.44
C ILE B 81 31.22 0.20 9.19
N PHE B 82 31.79 -0.32 8.10
CA PHE B 82 31.08 -0.41 6.82
C PHE B 82 30.22 -1.67 6.73
N ASP B 83 30.44 -2.60 7.66
CA ASP B 83 29.71 -3.85 7.69
C ASP B 83 29.51 -4.33 9.13
N PHE B 84 28.87 -3.48 9.92
CA PHE B 84 28.60 -3.75 11.33
C PHE B 84 27.83 -5.06 11.52
N ASN B 85 26.85 -5.31 10.66
CA ASN B 85 26.06 -6.52 10.76
C ASN B 85 26.87 -7.78 10.46
N GLY B 86 27.87 -7.66 9.60
CA GLY B 86 28.71 -8.80 9.28
C GLY B 86 29.87 -8.92 10.28
N SER B 87 29.86 -8.07 11.29
CA SER B 87 30.90 -8.07 12.33
C SER B 87 30.30 -8.52 13.66
N PHE B 88 29.01 -8.76 13.67
CA PHE B 88 28.31 -9.16 14.87
C PHE B 88 28.55 -10.61 15.29
N ILE B 89 28.89 -10.81 16.55
CA ILE B 89 29.12 -12.16 17.04
C ILE B 89 27.98 -12.58 17.96
N PRO B 90 26.99 -13.29 17.42
CA PRO B 90 25.88 -13.73 18.28
C PRO B 90 26.47 -14.74 19.25
N GLY B 91 26.21 -14.55 20.53
CA GLY B 91 26.75 -15.44 21.53
C GLY B 91 27.62 -14.61 22.43
N LEU B 92 28.01 -13.42 21.95
CA LEU B 92 28.81 -12.50 22.74
C LEU B 92 27.94 -11.96 23.86
N PRO B 93 26.73 -11.47 23.55
CA PRO B 93 25.87 -10.95 24.61
C PRO B 93 25.38 -12.11 25.46
N ARG B 94 25.27 -13.27 24.82
CA ARG B 94 24.83 -14.51 25.45
C ARG B 94 25.83 -14.95 26.52
N PHE B 95 27.09 -15.14 26.10
CA PHE B 95 28.14 -15.58 27.02
C PHE B 95 28.79 -14.49 27.85
N ALA B 96 28.87 -13.28 27.31
CA ALA B 96 29.45 -12.17 28.06
C ALA B 96 28.31 -11.52 28.83
N ALA B 97 28.12 -10.21 28.65
CA ALA B 97 27.06 -9.45 29.33
C ALA B 97 27.44 -9.06 30.75
N ASP B 98 28.14 -9.94 31.45
CA ASP B 98 28.59 -9.63 32.80
C ASP B 98 29.98 -9.02 32.67
N ASN B 99 30.55 -9.15 31.48
CA ASN B 99 31.87 -8.62 31.16
C ASN B 99 31.73 -7.24 30.52
N PRO B 100 32.61 -6.30 30.88
CA PRO B 100 32.49 -4.99 30.23
C PRO B 100 32.99 -5.17 28.79
N ILE B 101 32.33 -4.54 27.83
CA ILE B 101 32.73 -4.66 26.44
C ILE B 101 33.06 -3.34 25.78
N LEU B 102 34.26 -3.25 25.21
CA LEU B 102 34.71 -2.06 24.51
C LEU B 102 34.45 -2.34 23.02
N LEU B 103 33.64 -1.50 22.40
CA LEU B 103 33.30 -1.62 20.99
C LEU B 103 34.30 -0.76 20.24
N VAL B 104 35.00 -1.37 19.28
CA VAL B 104 35.99 -0.65 18.49
C VAL B 104 35.64 -0.74 17.00
N GLY B 105 35.40 0.42 16.39
CA GLY B 105 35.06 0.46 14.99
C GLY B 105 36.32 0.73 14.18
N ASN B 106 36.72 -0.25 13.35
CA ASN B 106 37.93 -0.12 12.54
C ASN B 106 37.65 0.36 11.10
N LYS B 107 38.72 0.71 10.39
CA LYS B 107 38.69 1.18 9.00
C LYS B 107 38.20 2.61 8.82
N ALA B 108 38.39 3.45 9.83
CA ALA B 108 37.96 4.84 9.76
C ALA B 108 38.68 5.68 8.71
N ASP B 109 39.77 5.15 8.15
CA ASP B 109 40.52 5.88 7.14
C ASP B 109 39.82 5.92 5.78
N LEU B 110 38.84 5.02 5.58
CA LEU B 110 38.09 4.98 4.32
C LEU B 110 36.89 5.91 4.32
N LEU B 111 36.54 6.42 5.50
CA LEU B 111 35.42 7.34 5.64
C LEU B 111 35.57 8.62 4.84
N PRO B 112 34.46 9.11 4.25
CA PRO B 112 34.54 10.35 3.48
C PRO B 112 34.73 11.44 4.52
N ARG B 113 35.51 12.46 4.19
CA ARG B 113 35.76 13.55 5.15
C ARG B 113 34.49 14.26 5.65
N SER B 114 33.42 14.19 4.87
CA SER B 114 32.16 14.83 5.25
C SER B 114 31.43 14.11 6.39
N VAL B 115 31.93 12.95 6.80
CA VAL B 115 31.32 12.19 7.89
C VAL B 115 31.67 12.86 9.22
N LYS B 116 30.68 12.98 10.09
CA LYS B 116 30.89 13.57 11.40
C LYS B 116 30.92 12.44 12.42
N TYR B 117 32.08 12.27 13.07
CA TYR B 117 32.28 11.24 14.08
C TYR B 117 31.19 11.14 15.15
N PRO B 118 30.74 12.29 15.71
CA PRO B 118 29.69 12.26 16.74
C PRO B 118 28.45 11.51 16.25
N LYS B 119 28.11 11.71 14.98
CA LYS B 119 26.97 11.03 14.36
C LYS B 119 27.31 9.55 14.26
N LEU B 120 28.54 9.27 13.82
CA LEU B 120 29.03 7.90 13.66
C LEU B 120 29.04 7.18 15.00
N LEU B 121 29.63 7.79 16.03
CA LEU B 121 29.67 7.19 17.35
C LEU B 121 28.28 6.91 17.86
N ARG B 122 27.41 7.91 17.75
CA ARG B 122 26.02 7.80 18.17
C ARG B 122 25.33 6.65 17.43
N TRP B 123 25.54 6.57 16.11
CA TRP B 123 24.94 5.50 15.31
C TRP B 123 25.40 4.11 15.72
N MET B 124 26.72 3.89 15.87
CA MET B 124 27.16 2.55 16.26
C MET B 124 26.73 2.13 17.66
N ARG B 125 26.59 3.10 18.55
CA ARG B 125 26.12 2.81 19.92
C ARG B 125 24.70 2.31 19.75
N ARG B 126 23.92 3.06 18.98
CA ARG B 126 22.53 2.74 18.69
C ARG B 126 22.47 1.36 18.04
N MET B 127 23.28 1.17 17.00
CA MET B 127 23.34 -0.08 16.28
C MET B 127 23.70 -1.25 17.19
N ALA B 128 24.64 -1.02 18.09
CA ALA B 128 25.09 -2.04 19.05
C ALA B 128 24.00 -2.39 20.05
N GLU B 129 23.42 -1.36 20.65
CA GLU B 129 22.36 -1.53 21.65
C GLU B 129 21.16 -2.26 21.08
N GLU B 130 20.95 -2.12 19.77
CA GLU B 130 19.85 -2.78 19.08
C GLU B 130 20.10 -4.27 18.89
N LEU B 131 21.36 -4.68 19.03
CA LEU B 131 21.76 -6.08 18.86
C LEU B 131 21.90 -6.85 20.16
N GLY B 132 21.68 -6.18 21.28
CA GLY B 132 21.79 -6.83 22.58
C GLY B 132 23.20 -6.69 23.12
N LEU B 133 23.98 -5.84 22.45
CA LEU B 133 25.35 -5.59 22.81
C LEU B 133 25.38 -4.19 23.42
N CYS B 134 25.59 -4.13 24.73
CA CYS B 134 25.64 -2.84 25.42
C CYS B 134 27.07 -2.50 25.81
N PRO B 135 27.79 -1.79 24.92
CA PRO B 135 29.18 -1.41 25.18
C PRO B 135 29.36 -0.33 26.24
N VAL B 136 30.42 -0.48 27.01
CA VAL B 136 30.78 0.46 28.06
C VAL B 136 31.27 1.76 27.42
N ASP B 137 31.78 1.65 26.20
CA ASP B 137 32.30 2.80 25.46
C ASP B 137 32.56 2.38 24.02
N VAL B 138 32.71 3.34 23.12
CA VAL B 138 32.96 3.05 21.72
C VAL B 138 34.10 3.89 21.17
N CYS B 139 35.02 3.24 20.48
CA CYS B 139 36.17 3.92 19.89
C CYS B 139 36.22 3.75 18.37
N LEU B 140 36.79 4.75 17.71
CA LEU B 140 36.95 4.75 16.27
C LEU B 140 38.43 4.69 15.96
N VAL B 141 38.86 3.68 15.20
CA VAL B 141 40.26 3.57 14.87
C VAL B 141 40.49 3.14 13.43
N SER B 142 41.74 3.28 13.03
CA SER B 142 42.21 2.86 11.74
C SER B 142 43.47 2.06 12.07
N ALA B 143 43.30 0.75 12.20
CA ALA B 143 44.41 -0.15 12.51
C ALA B 143 45.53 -0.05 11.50
N ALA B 144 45.17 0.24 10.25
CA ALA B 144 46.15 0.36 9.16
C ALA B 144 46.96 1.66 9.18
N LYS B 145 46.29 2.77 9.48
CA LYS B 145 46.97 4.07 9.53
C LYS B 145 47.46 4.47 10.91
N GLY B 146 47.01 3.75 11.93
CA GLY B 146 47.44 4.03 13.30
C GLY B 146 46.68 5.17 13.97
N ILE B 147 45.74 5.75 13.25
CA ILE B 147 44.93 6.85 13.77
C ILE B 147 44.01 6.36 14.88
N GLY B 148 43.92 7.15 15.96
CA GLY B 148 43.05 6.80 17.08
C GLY B 148 43.49 5.60 17.89
N MET B 149 44.67 5.05 17.58
CA MET B 149 45.20 3.89 18.31
C MET B 149 45.59 4.23 19.73
N ALA B 150 46.09 5.44 19.95
CA ALA B 150 46.49 5.88 21.28
C ALA B 150 45.28 5.95 22.21
N LYS B 151 44.19 6.53 21.71
CA LYS B 151 42.97 6.68 22.50
C LYS B 151 42.37 5.33 22.89
N VAL B 152 42.37 4.38 21.96
CA VAL B 152 41.80 3.06 22.25
C VAL B 152 42.62 2.33 23.31
N MET B 153 43.93 2.56 23.31
CA MET B 153 44.83 1.93 24.29
C MET B 153 44.58 2.45 25.71
N GLU B 154 44.41 3.76 25.87
CA GLU B 154 44.15 4.29 27.20
C GLU B 154 42.74 3.97 27.67
N ALA B 155 41.86 3.68 26.71
CA ALA B 155 40.47 3.31 27.03
C ALA B 155 40.48 1.87 27.54
N ILE B 156 41.31 1.04 26.92
CA ILE B 156 41.47 -0.36 27.31
C ILE B 156 42.04 -0.42 28.73
N ASN B 157 43.09 0.35 28.99
CA ASN B 157 43.70 0.37 30.32
C ASN B 157 42.73 0.86 31.39
N ARG B 158 41.82 1.74 30.98
CA ARG B 158 40.83 2.28 31.89
C ARG B 158 39.71 1.29 32.23
N TYR B 159 39.19 0.60 31.24
CA TYR B 159 38.08 -0.34 31.47
C TYR B 159 38.41 -1.78 31.90
N ARG B 160 39.66 -2.20 31.77
CA ARG B 160 40.04 -3.56 32.20
C ARG B 160 40.44 -3.43 33.67
N GLU B 161 40.73 -2.18 34.07
CA GLU B 161 41.14 -1.82 35.40
C GLU B 161 42.50 -2.39 35.79
N GLY B 162 42.54 -3.66 36.15
CA GLY B 162 43.81 -4.26 36.49
C GLY B 162 43.84 -5.69 36.00
N GLY B 163 42.77 -6.05 35.29
CA GLY B 163 42.64 -7.40 34.79
C GLY B 163 43.09 -7.60 33.35
N ASP B 164 42.83 -8.82 32.87
CA ASP B 164 43.19 -9.20 31.52
C ASP B 164 42.23 -8.55 30.51
N VAL B 165 42.42 -8.90 29.25
CA VAL B 165 41.56 -8.41 28.18
C VAL B 165 41.56 -9.41 27.04
N TYR B 166 40.38 -9.66 26.49
CA TYR B 166 40.25 -10.59 25.38
C TYR B 166 39.75 -9.82 24.17
N VAL B 167 40.51 -9.89 23.08
CA VAL B 167 40.14 -9.22 21.85
C VAL B 167 39.39 -10.21 20.97
N VAL B 168 38.13 -9.89 20.69
CA VAL B 168 37.27 -10.74 19.89
C VAL B 168 36.82 -10.04 18.60
N GLY B 169 36.58 -10.83 17.56
CA GLY B 169 36.13 -10.26 16.30
C GLY B 169 36.01 -11.29 15.19
N CYS B 170 35.19 -10.98 14.20
CA CYS B 170 35.00 -11.86 13.05
C CYS B 170 36.20 -11.60 12.13
N THR B 171 36.34 -12.40 11.08
CA THR B 171 37.46 -12.19 10.15
C THR B 171 37.10 -11.04 9.21
N ASN B 172 38.12 -10.47 8.56
CA ASN B 172 37.99 -9.36 7.61
C ASN B 172 37.53 -8.05 8.27
N VAL B 173 37.75 -7.96 9.58
CA VAL B 173 37.36 -6.78 10.36
C VAL B 173 38.55 -5.86 10.69
N GLY B 174 39.76 -6.40 10.66
CA GLY B 174 40.95 -5.61 10.97
C GLY B 174 41.64 -6.06 12.24
N LYS B 175 41.23 -7.20 12.79
CA LYS B 175 41.80 -7.69 14.03
C LYS B 175 43.28 -8.04 14.01
N SER B 176 43.74 -8.74 12.97
CA SER B 176 45.17 -9.08 12.89
C SER B 176 46.00 -7.81 12.81
N THR B 177 45.58 -6.90 11.94
CA THR B 177 46.27 -5.63 11.76
C THR B 177 46.30 -4.84 13.07
N PHE B 178 45.19 -4.89 13.80
CA PHE B 178 45.06 -4.21 15.08
C PHE B 178 45.98 -4.84 16.13
N ILE B 179 45.90 -6.16 16.24
CA ILE B 179 46.71 -6.92 17.18
C ILE B 179 48.21 -6.77 16.88
N ASN B 180 48.56 -6.65 15.60
CA ASN B 180 49.96 -6.50 15.19
C ASN B 180 50.60 -5.21 15.66
N ARG B 181 49.82 -4.13 15.72
CA ARG B 181 50.36 -2.87 16.21
C ARG B 181 50.62 -2.99 17.70
N ILE B 182 49.77 -3.72 18.42
CA ILE B 182 49.95 -3.90 19.85
C ILE B 182 51.19 -4.77 20.08
N ILE B 183 51.37 -5.80 19.24
CA ILE B 183 52.52 -6.68 19.34
C ILE B 183 53.81 -5.91 19.08
N GLU B 184 53.76 -4.96 18.16
CA GLU B 184 54.94 -4.16 17.82
C GLU B 184 55.45 -3.27 18.96
N GLU B 185 54.56 -2.57 19.64
CA GLU B 185 55.01 -1.69 20.72
C GLU B 185 55.31 -2.45 22.00
N ALA B 186 54.67 -3.60 22.18
CA ALA B 186 54.89 -4.44 23.36
C ALA B 186 56.27 -5.06 23.23
N THR B 187 56.62 -5.45 22.01
CA THR B 187 57.90 -6.05 21.70
C THR B 187 59.00 -5.01 21.86
N GLY B 188 58.70 -3.78 21.46
CA GLY B 188 59.67 -2.71 21.58
C GLY B 188 59.93 -2.38 23.04
N LYS B 189 58.97 -2.67 23.90
CA LYS B 189 59.12 -2.40 25.33
C LYS B 189 59.82 -3.53 26.10
N GLY B 190 60.31 -4.54 25.37
CA GLY B 190 61.01 -5.64 26.00
C GLY B 190 60.18 -6.82 26.46
N ASN B 191 58.89 -6.80 26.18
CA ASN B 191 58.03 -7.91 26.60
C ASN B 191 58.13 -9.10 25.66
N VAL B 192 57.69 -10.25 26.14
CA VAL B 192 57.71 -11.49 25.37
C VAL B 192 56.28 -11.86 24.96
N ILE B 193 56.09 -12.11 23.66
CA ILE B 193 54.78 -12.47 23.14
C ILE B 193 54.70 -13.98 22.94
N THR B 194 53.61 -14.58 23.38
CA THR B 194 53.46 -16.01 23.29
C THR B 194 52.21 -16.46 22.56
N THR B 195 52.35 -17.47 21.71
CA THR B 195 51.20 -18.00 21.00
C THR B 195 51.07 -19.42 21.52
N SER B 196 49.86 -19.80 21.89
CA SER B 196 49.62 -21.11 22.43
C SER B 196 48.14 -21.47 22.24
N TYR B 197 47.73 -22.56 22.91
CA TYR B 197 46.38 -23.06 22.86
C TYR B 197 45.45 -22.42 23.90
N PHE B 198 44.27 -21.91 23.47
CA PHE B 198 43.25 -21.40 24.40
C PHE B 198 42.68 -22.79 24.93
N PRO B 199 42.44 -22.98 26.22
CA PRO B 199 41.94 -24.23 26.81
C PRO B 199 41.12 -25.38 26.11
N GLY B 200 41.30 -25.47 24.80
CA GLY B 200 40.71 -26.47 23.93
C GLY B 200 41.91 -26.76 23.07
N THR B 201 41.70 -27.42 21.94
CA THR B 201 42.83 -27.72 21.11
C THR B 201 43.00 -26.80 19.93
N THR B 202 42.05 -26.80 19.00
CA THR B 202 42.22 -25.88 17.88
C THR B 202 42.12 -24.50 18.52
N LEU B 203 42.14 -23.47 17.69
CA LEU B 203 42.07 -22.10 18.18
C LEU B 203 43.35 -21.65 18.83
N ASP B 204 44.23 -21.01 18.06
CA ASP B 204 45.47 -20.49 18.66
C ASP B 204 45.05 -19.23 19.42
N MET B 205 45.93 -18.75 20.28
CA MET B 205 45.68 -17.56 21.08
C MET B 205 47.01 -16.85 21.28
N ILE B 206 47.00 -15.53 21.16
CA ILE B 206 48.22 -14.77 21.38
C ILE B 206 48.11 -14.09 22.73
N GLU B 207 49.16 -14.25 23.54
CA GLU B 207 49.20 -13.67 24.86
C GLU B 207 50.16 -12.50 24.84
N ILE B 208 49.66 -11.30 25.11
CA ILE B 208 50.51 -10.13 25.13
C ILE B 208 50.50 -9.56 26.54
N PRO B 209 51.64 -9.62 27.23
CA PRO B 209 51.75 -9.12 28.58
C PRO B 209 51.53 -7.63 28.74
N LEU B 210 50.65 -7.27 29.67
CA LEU B 210 50.42 -5.89 30.01
C LEU B 210 51.24 -5.84 31.30
N GLU B 211 51.32 -4.70 31.97
CA GLU B 211 52.10 -4.71 33.21
C GLU B 211 51.37 -5.37 34.38
N SER B 212 52.16 -5.82 35.36
CA SER B 212 51.66 -6.44 36.58
C SER B 212 50.90 -7.76 36.48
N GLY B 213 51.40 -8.69 35.67
CA GLY B 213 50.73 -9.98 35.54
C GLY B 213 49.60 -10.04 34.53
N ALA B 214 48.91 -8.91 34.34
CA ALA B 214 47.80 -8.81 33.40
C ALA B 214 48.24 -9.16 31.97
N THR B 215 47.31 -9.74 31.20
CA THR B 215 47.59 -10.15 29.84
C THR B 215 46.49 -9.82 28.83
N LEU B 216 46.91 -9.37 27.65
CA LEU B 216 46.00 -9.05 26.53
C LEU B 216 46.01 -10.31 25.66
N TYR B 217 44.85 -10.94 25.48
CA TYR B 217 44.73 -12.14 24.67
C TYR B 217 44.04 -11.91 23.34
N ASP B 218 44.68 -12.35 22.26
CA ASP B 218 44.09 -12.25 20.92
C ASP B 218 43.39 -13.57 20.69
N THR B 219 42.09 -13.47 20.50
CA THR B 219 41.24 -14.61 20.28
C THR B 219 41.14 -14.88 18.78
N PRO B 220 40.98 -16.15 18.39
CA PRO B 220 40.87 -16.47 16.97
C PRO B 220 39.82 -15.62 16.25
N GLY B 221 40.30 -14.87 15.27
CA GLY B 221 39.46 -14.02 14.46
C GLY B 221 38.48 -14.94 13.78
N ILE B 222 39.01 -16.11 13.43
CA ILE B 222 38.22 -17.14 12.82
C ILE B 222 36.94 -17.24 13.62
N ILE B 223 35.96 -16.57 13.05
CA ILE B 223 34.60 -16.48 13.52
C ILE B 223 34.00 -15.87 12.28
N ASN B 224 33.92 -16.74 11.29
CA ASN B 224 33.37 -16.43 10.00
C ASN B 224 31.91 -16.04 10.18
N HIS B 225 31.43 -15.23 9.24
CA HIS B 225 30.07 -14.68 9.24
C HIS B 225 29.51 -14.79 7.84
N HIS B 226 28.21 -14.52 7.69
CA HIS B 226 27.58 -14.53 6.37
C HIS B 226 28.04 -13.37 5.47
N GLN B 227 28.35 -12.22 6.09
CA GLN B 227 28.81 -10.95 5.45
C GLN B 227 29.20 -10.97 3.95
N MET B 228 29.09 -9.80 3.31
CA MET B 228 29.38 -9.60 1.89
C MET B 228 30.71 -10.13 1.35
N ALA B 229 31.79 -9.96 2.11
CA ALA B 229 33.12 -10.43 1.69
C ALA B 229 33.12 -11.93 1.44
N HIS B 230 32.18 -12.63 2.08
CA HIS B 230 32.04 -14.07 1.97
C HIS B 230 31.46 -14.57 0.64
N PHE B 231 30.85 -13.68 -0.12
CA PHE B 231 30.24 -14.04 -1.40
C PHE B 231 31.10 -13.72 -2.60
N VAL B 232 32.16 -12.97 -2.36
CA VAL B 232 33.07 -12.59 -3.43
C VAL B 232 34.39 -13.33 -3.27
N ASP B 233 34.98 -13.74 -4.38
CA ASP B 233 36.27 -14.45 -4.33
C ASP B 233 37.39 -13.45 -4.13
N ALA B 234 38.49 -13.91 -3.55
CA ALA B 234 39.66 -13.05 -3.34
C ALA B 234 40.32 -12.88 -4.70
N ARG B 235 40.04 -11.74 -5.31
CA ARG B 235 40.51 -11.35 -6.63
C ARG B 235 39.55 -10.22 -7.01
N ASP B 236 38.31 -10.33 -6.53
CA ASP B 236 37.27 -9.31 -6.74
C ASP B 236 37.08 -8.59 -5.40
N LEU B 237 37.50 -9.23 -4.31
CA LEU B 237 37.39 -8.66 -2.97
C LEU B 237 38.27 -7.43 -2.91
N LYS B 238 39.34 -7.44 -3.71
CA LYS B 238 40.26 -6.32 -3.79
C LYS B 238 39.47 -5.08 -4.21
N ILE B 239 38.64 -5.27 -5.24
CA ILE B 239 37.79 -4.23 -5.81
C ILE B 239 36.74 -3.71 -4.83
N ILE B 240 35.98 -4.61 -4.21
CA ILE B 240 34.96 -4.21 -3.24
C ILE B 240 35.60 -3.37 -2.13
N THR B 241 36.89 -3.61 -1.92
CA THR B 241 37.68 -2.92 -0.89
C THR B 241 38.32 -1.64 -1.43
N PRO B 242 38.09 -0.51 -0.74
CA PRO B 242 38.65 0.78 -1.16
C PRO B 242 40.11 0.85 -0.71
N LYS B 243 40.94 1.56 -1.46
CA LYS B 243 42.34 1.73 -1.10
C LYS B 243 42.47 2.99 -0.27
N ARG B 244 41.63 3.97 -0.56
CA ARG B 244 41.65 5.26 0.12
C ARG B 244 40.25 5.73 0.53
N GLU B 245 40.19 6.99 0.97
CA GLU B 245 38.95 7.62 1.38
C GLU B 245 37.89 7.56 0.26
N ILE B 246 36.65 7.32 0.64
CA ILE B 246 35.57 7.23 -0.33
C ILE B 246 35.08 8.59 -0.83
N HIS B 247 35.08 8.75 -2.16
CA HIS B 247 34.61 9.97 -2.81
C HIS B 247 33.14 9.83 -3.18
N PRO B 248 32.34 10.89 -2.99
CA PRO B 248 30.91 10.89 -3.32
C PRO B 248 30.69 10.84 -4.83
N ARG B 249 29.61 10.18 -5.23
CA ARG B 249 29.18 10.11 -6.62
C ARG B 249 27.72 10.50 -6.58
N VAL B 250 27.40 11.63 -7.20
CA VAL B 250 26.03 12.16 -7.22
C VAL B 250 25.24 11.61 -8.39
N TYR B 251 24.03 11.14 -8.12
CA TYR B 251 23.14 10.63 -9.17
C TYR B 251 21.81 11.32 -9.11
N GLN B 252 21.39 11.91 -10.21
CA GLN B 252 20.08 12.55 -10.23
C GLN B 252 19.17 11.55 -10.92
N LEU B 253 18.19 11.02 -10.19
CA LEU B 253 17.29 10.04 -10.76
C LEU B 253 15.83 10.46 -10.66
N ASN B 254 14.99 9.92 -11.54
CA ASN B 254 13.56 10.13 -11.38
C ASN B 254 12.86 8.78 -11.44
N GLU B 255 11.62 8.76 -10.97
CA GLU B 255 10.80 7.55 -10.90
C GLU B 255 11.04 6.51 -11.99
N GLY B 256 11.13 5.25 -11.56
CA GLY B 256 11.32 4.17 -12.50
C GLY B 256 12.73 3.93 -12.99
N GLN B 257 13.72 4.22 -12.15
CA GLN B 257 15.11 3.98 -12.54
C GLN B 257 15.85 3.11 -11.53
N THR B 258 16.81 2.35 -12.03
CA THR B 258 17.58 1.40 -11.22
C THR B 258 19.09 1.58 -11.28
N LEU B 259 19.75 1.39 -10.14
CA LEU B 259 21.21 1.47 -10.04
C LEU B 259 21.76 0.13 -9.61
N PHE B 260 22.69 -0.42 -10.38
CA PHE B 260 23.32 -1.67 -9.99
C PHE B 260 24.71 -1.31 -9.53
N PHE B 261 25.09 -1.81 -8.37
CA PHE B 261 26.41 -1.57 -7.83
C PHE B 261 27.15 -2.87 -8.15
N GLY B 262 27.82 -2.89 -9.31
CA GLY B 262 28.50 -4.09 -9.77
C GLY B 262 27.36 -5.06 -10.04
N GLY B 263 27.48 -6.27 -9.53
CA GLY B 263 26.41 -7.26 -9.67
C GLY B 263 26.09 -7.70 -8.25
N LEU B 264 26.57 -6.94 -7.27
CA LEU B 264 26.40 -7.25 -5.83
C LEU B 264 25.13 -6.74 -5.16
N ALA B 265 24.67 -5.57 -5.56
CA ALA B 265 23.47 -5.00 -4.95
C ALA B 265 22.73 -4.17 -5.99
N ARG B 266 21.49 -3.79 -5.66
CA ARG B 266 20.67 -3.01 -6.57
C ARG B 266 19.76 -2.03 -5.81
N LEU B 267 19.52 -0.87 -6.40
CA LEU B 267 18.64 0.13 -5.80
C LEU B 267 17.61 0.60 -6.83
N ASP B 268 16.34 0.26 -6.61
CA ASP B 268 15.23 0.68 -7.50
C ASP B 268 14.57 1.94 -6.97
N TYR B 269 14.58 3.01 -7.75
CA TYR B 269 13.91 4.23 -7.31
C TYR B 269 12.48 4.11 -7.81
N ILE B 270 11.56 3.88 -6.89
CA ILE B 270 10.16 3.69 -7.25
C ILE B 270 9.35 4.97 -7.45
N LYS B 271 9.31 5.81 -6.42
CA LYS B 271 8.52 7.03 -6.46
C LYS B 271 9.13 8.16 -5.62
N GLY B 272 8.80 9.40 -5.98
CA GLY B 272 9.30 10.54 -5.24
C GLY B 272 9.76 11.76 -6.03
N GLY B 273 9.56 11.76 -7.34
CA GLY B 273 9.97 12.89 -8.17
C GLY B 273 11.46 12.90 -8.47
N ARG B 274 11.91 13.82 -9.33
CA ARG B 274 13.33 13.92 -9.67
C ARG B 274 14.07 14.11 -8.37
N ARG B 275 15.15 13.36 -8.18
CA ARG B 275 15.86 13.38 -6.92
C ARG B 275 17.33 13.05 -7.05
N SER B 276 18.13 13.57 -6.13
CA SER B 276 19.56 13.32 -6.12
C SER B 276 19.94 12.32 -5.05
N PHE B 277 20.79 11.37 -5.42
CA PHE B 277 21.27 10.38 -4.48
C PHE B 277 22.78 10.53 -4.51
N VAL B 278 23.41 10.40 -3.36
CA VAL B 278 24.84 10.53 -3.29
C VAL B 278 25.38 9.20 -2.81
N CYS B 279 26.05 8.50 -3.72
CA CYS B 279 26.61 7.18 -3.44
C CYS B 279 27.98 7.21 -2.78
N TYR B 280 28.10 6.58 -1.62
CA TYR B 280 29.36 6.50 -0.88
C TYR B 280 29.82 5.05 -0.77
N MET B 281 30.46 4.55 -1.82
CA MET B 281 30.97 3.19 -1.86
C MET B 281 32.33 3.17 -2.54
N ALA B 282 33.04 2.05 -2.42
CA ALA B 282 34.35 1.87 -3.05
C ALA B 282 34.29 2.36 -4.49
N ASN B 283 35.18 3.28 -4.83
CA ASN B 283 35.20 3.86 -6.16
C ASN B 283 35.55 2.95 -7.35
N GLU B 284 36.19 1.81 -7.09
CA GLU B 284 36.51 0.90 -8.18
C GLU B 284 35.28 0.05 -8.53
N LEU B 285 34.28 0.09 -7.66
CA LEU B 285 33.04 -0.64 -7.89
C LEU B 285 32.26 0.13 -8.96
N THR B 286 31.98 -0.51 -10.09
CA THR B 286 31.25 0.13 -11.17
C THR B 286 29.76 0.26 -10.85
N VAL B 287 29.15 1.34 -11.32
CA VAL B 287 27.73 1.61 -11.12
C VAL B 287 27.05 1.69 -12.47
N HIS B 288 25.88 1.07 -12.59
CA HIS B 288 25.14 1.03 -13.84
C HIS B 288 23.70 1.40 -13.60
N ARG B 289 23.14 2.16 -14.54
CA ARG B 289 21.79 2.64 -14.43
C ARG B 289 20.95 2.26 -15.64
N THR B 290 19.71 1.86 -15.39
CA THR B 290 18.80 1.47 -16.45
C THR B 290 17.40 1.67 -15.93
N LYS B 291 16.41 1.71 -16.81
CA LYS B 291 15.08 1.88 -16.30
C LYS B 291 14.58 0.58 -15.69
N LEU B 292 13.75 0.71 -14.66
CA LEU B 292 13.19 -0.38 -13.89
C LEU B 292 12.72 -1.63 -14.66
N GLU B 293 11.84 -1.46 -15.63
CA GLU B 293 11.29 -2.57 -16.42
C GLU B 293 12.31 -3.44 -17.15
N LYS B 294 13.54 -2.97 -17.27
CA LYS B 294 14.59 -3.72 -17.94
C LYS B 294 15.67 -4.23 -16.98
N ALA B 295 15.52 -3.91 -15.70
CA ALA B 295 16.51 -4.29 -14.70
C ALA B 295 16.70 -5.80 -14.59
N ASP B 296 15.61 -6.53 -14.39
CA ASP B 296 15.67 -7.99 -14.27
C ASP B 296 16.32 -8.68 -15.49
N SER B 297 15.96 -8.24 -16.69
CA SER B 297 16.53 -8.82 -17.92
C SER B 297 18.02 -8.54 -17.98
N LEU B 298 18.37 -7.30 -17.66
CA LEU B 298 19.77 -6.87 -17.68
C LEU B 298 20.61 -7.73 -16.74
N TYR B 299 20.09 -7.96 -15.54
CA TYR B 299 20.82 -8.75 -14.57
C TYR B 299 20.94 -10.22 -14.97
N ALA B 300 19.99 -10.70 -15.76
CA ALA B 300 20.02 -12.10 -16.21
C ALA B 300 21.03 -12.31 -17.32
N ASN B 301 21.20 -11.30 -18.17
CA ASN B 301 22.13 -11.38 -19.29
C ASN B 301 23.50 -10.74 -19.09
N GLN B 302 23.64 -9.87 -18.10
CA GLN B 302 24.91 -9.20 -17.87
C GLN B 302 25.65 -9.51 -16.58
N LEU B 303 25.11 -10.38 -15.74
CA LEU B 303 25.78 -10.75 -14.50
C LEU B 303 27.04 -11.53 -14.89
N GLY B 304 28.18 -11.13 -14.34
CA GLY B 304 29.43 -11.79 -14.67
C GLY B 304 30.19 -11.03 -15.73
N GLU B 305 29.47 -10.23 -16.51
CA GLU B 305 30.06 -9.40 -17.57
C GLU B 305 30.06 -7.93 -17.17
N LEU B 306 29.08 -7.19 -17.66
CA LEU B 306 28.97 -5.76 -17.34
C LEU B 306 28.74 -5.64 -15.84
N LEU B 307 27.81 -6.44 -15.33
CA LEU B 307 27.47 -6.46 -13.91
C LEU B 307 28.45 -7.34 -13.17
N SER B 308 29.53 -6.72 -12.73
CA SER B 308 30.60 -7.41 -12.07
C SER B 308 31.38 -6.46 -11.18
N PRO B 309 31.93 -6.94 -10.05
CA PRO B 309 31.88 -8.33 -9.57
C PRO B 309 30.44 -8.78 -9.26
N PRO B 310 30.20 -10.10 -9.23
CA PRO B 310 31.09 -11.25 -9.43
C PRO B 310 31.50 -11.47 -10.88
N SER B 311 32.71 -11.98 -11.08
CA SER B 311 33.18 -12.26 -12.43
C SER B 311 32.50 -13.50 -12.97
N LYS B 312 32.44 -13.61 -14.29
CA LYS B 312 31.78 -14.75 -14.94
C LYS B 312 32.11 -16.15 -14.44
N ARG B 313 33.33 -16.38 -13.96
CA ARG B 313 33.69 -17.71 -13.48
C ARG B 313 32.80 -18.24 -12.36
N TYR B 314 32.43 -17.39 -11.42
CA TYR B 314 31.57 -17.83 -10.34
C TYR B 314 30.23 -17.10 -10.31
N ALA B 315 29.90 -16.43 -11.40
CA ALA B 315 28.66 -15.69 -11.53
C ALA B 315 27.44 -16.60 -11.67
N ALA B 316 27.67 -17.90 -11.70
CA ALA B 316 26.57 -18.87 -11.81
C ALA B 316 26.66 -19.79 -10.61
N GLU B 317 26.81 -19.16 -9.45
CA GLU B 317 26.93 -19.83 -8.16
C GLU B 317 26.80 -18.74 -7.10
N PHE B 318 26.75 -17.50 -7.58
CA PHE B 318 26.60 -16.32 -6.74
C PHE B 318 25.15 -16.35 -6.26
N PRO B 319 24.92 -16.08 -4.97
CA PRO B 319 23.56 -16.08 -4.41
C PRO B 319 22.61 -15.03 -5.02
N PRO B 320 21.31 -15.36 -5.08
CA PRO B 320 20.30 -14.46 -5.64
C PRO B 320 20.19 -13.19 -4.81
N LEU B 321 19.80 -12.10 -5.46
CA LEU B 321 19.62 -10.83 -4.78
C LEU B 321 18.21 -10.83 -4.21
N VAL B 322 18.11 -10.53 -2.92
CA VAL B 322 16.83 -10.52 -2.19
C VAL B 322 16.25 -9.09 -2.07
N PRO B 323 15.03 -8.87 -2.62
CA PRO B 323 14.38 -7.55 -2.56
C PRO B 323 13.76 -7.18 -1.23
N ARG B 324 13.79 -5.88 -0.95
CA ARG B 324 13.23 -5.32 0.28
C ARG B 324 12.78 -3.89 0.01
N SER B 325 11.59 -3.54 0.47
CA SER B 325 11.04 -2.19 0.28
C SER B 325 11.42 -1.25 1.39
N LEU B 326 11.72 -0.01 1.01
CA LEU B 326 12.12 1.00 1.96
C LEU B 326 11.42 2.33 1.68
N SER B 327 10.70 2.83 2.66
CA SER B 327 10.02 4.11 2.53
C SER B 327 10.82 5.11 3.34
N VAL B 328 11.50 6.03 2.65
CA VAL B 328 12.30 7.04 3.32
C VAL B 328 11.38 8.18 3.79
N LYS B 329 11.00 8.13 5.06
CA LYS B 329 10.11 9.13 5.63
C LYS B 329 10.78 10.37 6.21
N GLU B 330 12.03 10.23 6.64
CA GLU B 330 12.77 11.34 7.24
C GLU B 330 13.72 12.00 6.25
N ARG B 331 14.26 13.17 6.62
CA ARG B 331 15.21 13.86 5.76
C ARG B 331 16.63 13.54 6.21
N LYS B 332 17.60 13.65 5.29
CA LYS B 332 19.00 13.34 5.54
C LYS B 332 19.17 11.90 6.04
N THR B 333 18.96 10.94 5.15
CA THR B 333 19.09 9.54 5.55
C THR B 333 20.11 8.78 4.72
N ASP B 334 20.58 7.70 5.29
CA ASP B 334 21.53 6.84 4.62
C ASP B 334 20.86 5.51 4.33
N ILE B 335 20.98 5.07 3.08
CA ILE B 335 20.45 3.78 2.66
C ILE B 335 21.75 2.98 2.73
N VAL B 336 21.90 2.21 3.80
CA VAL B 336 23.11 1.44 4.03
C VAL B 336 23.17 0.04 3.43
N PHE B 337 24.14 -0.18 2.55
CA PHE B 337 24.39 -1.48 1.93
C PHE B 337 25.61 -2.07 2.62
N SER B 338 25.37 -2.92 3.61
CA SER B 338 26.46 -3.55 4.38
C SER B 338 27.59 -4.11 3.52
N GLY B 339 28.82 -3.76 3.88
CA GLY B 339 29.98 -4.24 3.15
C GLY B 339 30.35 -3.42 1.94
N LEU B 340 29.43 -2.56 1.51
CA LEU B 340 29.65 -1.72 0.34
C LEU B 340 29.75 -0.24 0.67
N GLY B 341 28.86 0.23 1.54
CA GLY B 341 28.86 1.64 1.89
C GLY B 341 27.44 2.09 2.15
N TRP B 342 27.00 3.13 1.43
CA TRP B 342 25.65 3.66 1.59
C TRP B 342 25.32 4.76 0.58
N VAL B 343 24.04 5.04 0.40
CA VAL B 343 23.67 6.13 -0.49
C VAL B 343 22.79 7.07 0.31
N THR B 344 23.12 8.35 0.22
CA THR B 344 22.41 9.39 0.95
C THR B 344 21.34 10.09 0.14
N CYS B 345 20.17 10.19 0.76
CA CYS B 345 18.99 10.81 0.19
C CYS B 345 18.70 12.04 1.06
N ASN B 346 19.09 13.21 0.57
CA ASN B 346 18.95 14.48 1.28
C ASN B 346 17.57 15.16 1.32
N ASP B 347 16.50 14.38 1.14
CA ASP B 347 15.13 14.89 1.14
C ASP B 347 14.18 13.72 1.40
N PRO B 348 13.09 13.96 2.14
CA PRO B 348 12.14 12.88 2.43
C PRO B 348 11.21 12.55 1.26
N GLY B 349 10.47 11.45 1.41
CA GLY B 349 9.51 11.06 0.37
C GLY B 349 9.90 10.02 -0.65
N ALA B 350 11.13 9.51 -0.61
CA ALA B 350 11.57 8.50 -1.55
C ALA B 350 11.04 7.10 -1.22
N GLN B 351 10.64 6.37 -2.26
CA GLN B 351 10.12 5.01 -2.12
C GLN B 351 11.07 4.13 -2.93
N LEU B 352 11.63 3.12 -2.28
CA LEU B 352 12.61 2.26 -2.94
C LEU B 352 12.44 0.76 -2.72
N VAL B 353 13.19 0.01 -3.53
CA VAL B 353 13.27 -1.43 -3.40
C VAL B 353 14.75 -1.69 -3.57
N VAL B 354 15.37 -2.19 -2.50
CA VAL B 354 16.79 -2.50 -2.50
C VAL B 354 16.99 -4.01 -2.54
N HIS B 355 18.04 -4.45 -3.23
CA HIS B 355 18.36 -5.87 -3.35
C HIS B 355 19.81 -6.16 -2.97
N ALA B 356 20.02 -7.27 -2.28
CA ALA B 356 21.35 -7.70 -1.86
C ALA B 356 21.25 -9.19 -1.53
N PRO B 357 22.39 -9.89 -1.45
CA PRO B 357 22.34 -11.32 -1.13
C PRO B 357 21.67 -11.55 0.22
N LYS B 358 21.10 -12.72 0.41
CA LYS B 358 20.45 -13.06 1.67
C LYS B 358 21.48 -13.01 2.79
N GLY B 359 21.16 -12.29 3.86
CA GLY B 359 22.09 -12.19 4.97
C GLY B 359 22.71 -10.81 5.12
N VAL B 360 23.12 -10.20 4.01
CA VAL B 360 23.73 -8.87 4.07
C VAL B 360 22.63 -7.83 4.23
N ASP B 361 22.70 -7.10 5.33
CA ASP B 361 21.70 -6.12 5.68
C ASP B 361 21.70 -4.80 4.90
N VAL B 362 20.52 -4.43 4.42
CA VAL B 362 20.34 -3.15 3.72
C VAL B 362 19.20 -2.52 4.49
N PHE B 363 19.43 -1.30 5.00
CA PHE B 363 18.44 -0.62 5.80
C PHE B 363 18.70 0.89 5.76
N ILE B 364 17.88 1.65 6.47
CA ILE B 364 18.04 3.09 6.50
C ILE B 364 18.36 3.62 7.89
N ARG B 365 19.20 4.65 7.94
CA ARG B 365 19.58 5.27 9.20
C ARG B 365 19.69 6.77 8.96
N GLN B 366 19.66 7.53 10.04
CA GLN B 366 19.80 8.97 9.93
C GLN B 366 21.22 9.15 9.40
N SER B 367 21.41 10.05 8.46
CA SER B 367 22.72 10.25 7.86
C SER B 367 23.89 10.51 8.81
N LEU B 368 25.07 10.05 8.41
CA LEU B 368 26.28 10.24 9.20
C LEU B 368 26.98 11.48 8.68
N ILE B 369 26.42 12.09 7.64
CA ILE B 369 26.97 13.29 7.02
C ILE B 369 26.16 14.50 7.49
#